data_2XC4
#
_entry.id   2XC4
#
_cell.length_a   48.840
_cell.length_b   74.550
_cell.length_c   76.800
_cell.angle_alpha   90.00
_cell.angle_beta   90.00
_cell.angle_gamma   90.00
#
_symmetry.space_group_name_H-M   'P 21 21 21'
#
loop_
_entity.id
_entity.type
_entity.pdbx_description
1 polymer 'ACTIVATED FACTOR XA HEAVY CHAIN'
2 polymer 'FACTOR X LIGHT CHAIN'
3 non-polymer 'CALCIUM ION'
4 non-polymer 'SODIUM ION'
5 non-polymer "(3R,4R)-N-(4-CHLOROPHENYL)-N'-[2-FLUORO-4-(2-OXOPYRIDIN-1(2H)-YL)PHENYL]-1-(2,2,2-TRIFLUOROETHYL)PYRROLIDINE-3,4-DICARBOXAMIDE"
6 water water
#
loop_
_entity_poly.entity_id
_entity_poly.type
_entity_poly.pdbx_seq_one_letter_code
_entity_poly.pdbx_strand_id
1 'polypeptide(L)'
;IVGGQECKDGECPWQALLINEENEGFCGGTILSEFYILTAAHCLYQAKRFKVRVGDRNTEQEEGGEAVHEVEVVIKHNRF
TKETYDFDIAVLRLKTPITFRMNVAPACLPERDWAESTLMTQKTGIVSGFGRTHEKGRQSTRLKMLEVPYVDRNSCKLSS
SFIITQNMFCAGYDTKQEDACQGDSGGPHVTRFKDTYFVTGIVSWGEGCARKGKYGIYTKVTAFLKWIDRSMKTRGLPKA
K
;
A
2 'polypeptide(L)' RKLCSLDNGDCDQFCHEEQNSVVCSCARGYTLADNGKACIPTGPYPCGKQTLERR L
#
# COMPACT_ATOMS: atom_id res chain seq x y z
N ILE A 1 5.64 3.80 -12.41
CA ILE A 1 4.21 3.64 -12.85
C ILE A 1 4.08 3.98 -14.36
N VAL A 2 3.49 3.05 -15.12
CA VAL A 2 3.23 3.17 -16.55
C VAL A 2 1.79 3.63 -16.71
N GLY A 3 1.56 4.75 -17.39
CA GLY A 3 0.21 5.32 -17.44
C GLY A 3 -0.14 5.97 -16.11
N GLY A 4 -1.43 6.03 -15.81
CA GLY A 4 -1.92 6.65 -14.59
C GLY A 4 -1.69 8.15 -14.63
N GLN A 5 -1.43 8.75 -13.48
CA GLN A 5 -1.28 10.21 -13.39
C GLN A 5 -0.39 10.63 -12.22
N GLU A 6 0.08 11.87 -12.25
CA GLU A 6 0.79 12.39 -11.12
C GLU A 6 -0.14 12.45 -9.93
N CYS A 7 0.38 12.08 -8.78
CA CYS A 7 -0.38 12.20 -7.58
C CYS A 7 -0.46 13.66 -7.16
N LYS A 8 -1.69 14.11 -6.95
CA LYS A 8 -1.95 15.48 -6.59
C LYS A 8 -1.55 15.73 -5.15
N ASP A 9 -1.41 17.00 -4.79
CA ASP A 9 -1.00 17.37 -3.47
C ASP A 9 -1.90 16.76 -2.39
N GLY A 10 -1.27 16.07 -1.42
CA GLY A 10 -1.97 15.46 -0.33
C GLY A 10 -2.68 14.13 -0.64
N GLU A 11 -2.52 13.63 -1.86
CA GLU A 11 -3.37 12.53 -2.30
C GLU A 11 -2.77 11.15 -2.12
N CYS A 12 -1.47 11.15 -1.85
CA CYS A 12 -0.71 9.92 -1.64
C CYS A 12 0.21 10.04 -0.44
N PRO A 13 -0.33 10.45 0.73
CA PRO A 13 0.51 10.87 1.86
C PRO A 13 1.19 9.68 2.55
N TRP A 14 0.75 8.44 2.25
CA TRP A 14 1.32 7.21 2.89
C TRP A 14 2.49 6.67 2.07
N GLN A 15 2.78 7.29 0.93
CA GLN A 15 3.94 6.87 0.13
C GLN A 15 5.27 7.11 0.81
N ALA A 16 6.13 6.09 0.83
CA ALA A 16 7.47 6.23 1.31
C ALA A 16 8.38 5.81 0.16
N LEU A 17 9.62 6.24 0.23
CA LEU A 17 10.60 5.89 -0.81
C LEU A 17 11.88 5.41 -0.18
N LEU A 18 12.28 4.19 -0.51
CA LEU A 18 13.58 3.68 -0.05
C LEU A 18 14.68 4.20 -0.95
N ILE A 19 15.68 4.84 -0.35
CA ILE A 19 16.74 5.53 -1.10
C ILE A 19 18.11 4.90 -0.78
N ASN A 20 18.87 4.56 -1.83
CA ASN A 20 20.10 3.75 -1.68
C ASN A 20 21.31 4.64 -1.36
N GLU A 21 22.50 4.06 -1.24
CA GLU A 21 23.70 4.86 -0.97
C GLU A 21 23.99 5.73 -2.18
N GLU A 22 23.46 6.95 -2.16
CA GLU A 22 23.46 7.84 -3.32
C GLU A 22 22.21 8.71 -3.40
N ASN A 23 21.26 8.46 -2.52
CA ASN A 23 19.97 9.18 -2.48
C ASN A 23 19.08 8.90 -3.71
N GLU A 24 19.22 7.71 -4.27
CA GLU A 24 18.42 7.27 -5.43
C GLU A 24 17.36 6.26 -5.00
N GLY A 25 16.12 6.50 -5.44
CA GLY A 25 15.01 5.62 -5.09
C GLY A 25 15.12 4.33 -5.86
N PHE A 26 14.87 3.22 -5.17
CA PHE A 26 14.87 1.90 -5.80
C PHE A 26 13.62 1.07 -5.49
N CYS A 27 12.85 1.50 -4.47
CA CYS A 27 11.67 0.80 -4.02
C CYS A 27 10.80 1.78 -3.23
N GLY A 28 9.52 1.46 -3.15
CA GLY A 28 8.57 2.20 -2.30
C GLY A 28 8.38 1.56 -0.94
N GLY A 29 7.52 2.18 -0.14
CA GLY A 29 7.03 1.65 1.13
C GLY A 29 5.67 2.28 1.42
N THR A 30 5.01 1.83 2.47
CA THR A 30 3.75 2.44 2.89
C THR A 30 3.94 2.81 4.35
N ILE A 31 3.57 4.04 4.69
CA ILE A 31 3.62 4.48 6.09
C ILE A 31 2.48 3.81 6.83
N LEU A 32 2.80 3.06 7.88
CA LEU A 32 1.76 2.44 8.73
C LEU A 32 1.56 3.15 10.05
N SER A 33 2.61 3.82 10.52
CA SER A 33 2.54 4.55 11.80
C SER A 33 3.77 5.44 11.89
N GLU A 34 3.91 6.14 13.01
CA GLU A 34 5.03 7.08 13.16
C GLU A 34 6.39 6.34 13.10
N PHE A 35 6.39 5.07 13.51
CA PHE A 35 7.61 4.27 13.54
C PHE A 35 7.74 3.17 12.49
N TYR A 36 6.63 2.77 11.84
CA TYR A 36 6.69 1.59 10.95
C TYR A 36 6.39 1.84 9.47
N ILE A 37 7.24 1.28 8.60
CA ILE A 37 7.06 1.28 7.15
C ILE A 37 6.81 -0.16 6.64
N LEU A 38 5.78 -0.33 5.80
CA LEU A 38 5.59 -1.57 5.10
C LEU A 38 6.31 -1.56 3.73
N THR A 39 6.97 -2.66 3.40
CA THR A 39 7.65 -2.77 2.11
C THR A 39 7.71 -4.23 1.72
N ALA A 40 8.39 -4.52 0.60
CA ALA A 40 8.55 -5.88 0.11
C ALA A 40 9.90 -6.40 0.57
N ALA A 41 9.93 -7.65 1.00
CA ALA A 41 11.17 -8.33 1.44
C ALA A 41 12.22 -8.33 0.34
N HIS A 42 11.79 -8.50 -0.91
CA HIS A 42 12.74 -8.52 -2.03
C HIS A 42 13.51 -7.20 -2.20
N CYS A 43 12.95 -6.09 -1.75
CA CYS A 43 13.60 -4.78 -1.79
C CYS A 43 14.88 -4.78 -0.97
N LEU A 44 14.90 -5.60 0.08
CA LEU A 44 16.04 -5.61 1.01
C LEU A 44 17.33 -6.11 0.35
N TYR A 45 17.18 -6.88 -0.72
CA TYR A 45 18.31 -7.47 -1.46
C TYR A 45 18.83 -6.60 -2.60
N GLN A 46 18.23 -5.41 -2.77
CA GLN A 46 18.50 -4.57 -3.95
C GLN A 46 19.32 -3.31 -3.60
N ALA A 47 19.64 -3.16 -2.31
CA ALA A 47 20.60 -2.18 -1.81
C ALA A 47 21.15 -2.66 -0.47
N LYS A 48 22.49 -2.65 -0.36
CA LYS A 48 23.17 -3.00 0.88
C LYS A 48 22.71 -2.08 2.03
N ARG A 49 22.72 -0.77 1.79
CA ARG A 49 22.26 0.19 2.78
C ARG A 49 21.24 1.18 2.20
N PHE A 50 20.26 1.58 2.99
CA PHE A 50 19.23 2.47 2.48
C PHE A 50 18.59 3.24 3.62
N LYS A 51 17.92 4.34 3.29
CA LYS A 51 17.13 5.08 4.26
C LYS A 51 15.73 5.27 3.66
N VAL A 52 14.81 5.84 4.43
CA VAL A 52 13.44 6.04 3.99
C VAL A 52 13.15 7.53 3.90
N ARG A 53 12.59 7.97 2.76
CA ARG A 53 12.18 9.37 2.63
C ARG A 53 10.67 9.44 2.61
N VAL A 54 10.10 10.35 3.37
CA VAL A 54 8.65 10.57 3.37
C VAL A 54 8.34 12.00 2.97
N GLY A 55 7.13 12.22 2.47
CA GLY A 55 6.65 13.58 2.20
C GLY A 55 7.09 14.12 0.86
N ASP A 56 7.77 13.30 0.09
CA ASP A 56 8.27 13.73 -1.20
C ASP A 56 7.28 13.52 -2.34
N ARG A 57 7.21 14.50 -3.23
CA ARG A 57 6.37 14.37 -4.42
C ARG A 57 7.18 14.55 -5.69
N ASN A 58 8.27 15.33 -5.59
CA ASN A 58 9.13 15.66 -6.72
C ASN A 58 10.61 15.54 -6.31
N THR A 59 11.26 14.48 -6.78
CA THR A 59 12.62 14.17 -6.30
C THR A 59 13.67 15.20 -6.69
N GLU A 60 13.36 16.04 -7.68
CA GLU A 60 14.25 17.11 -8.10
C GLU A 60 13.92 18.48 -7.51
N GLN A 61 12.99 18.57 -6.57
CA GLN A 61 12.63 19.88 -6.01
C GLN A 61 12.52 19.77 -4.50
N GLU A 62 13.18 20.67 -3.77
CA GLU A 62 13.02 20.72 -2.30
C GLU A 62 11.78 21.52 -1.89
N GLU A 63 10.66 20.84 -1.72
CA GLU A 63 9.42 21.47 -1.26
C GLU A 63 9.53 22.02 0.15
N GLY A 64 10.26 21.31 1.01
CA GLY A 64 10.40 21.69 2.42
C GLY A 64 9.72 20.77 3.41
N GLY A 65 8.82 19.91 2.93
CA GLY A 65 8.12 18.99 3.82
C GLY A 65 8.72 17.59 3.87
N GLU A 66 9.74 17.36 3.04
CA GLU A 66 10.40 16.06 2.99
C GLU A 66 11.20 15.78 4.24
N ALA A 67 11.30 14.50 4.60
CA ALA A 67 12.16 14.10 5.67
C ALA A 67 12.75 12.73 5.38
N VAL A 68 14.01 12.56 5.77
CA VAL A 68 14.69 11.29 5.62
C VAL A 68 14.91 10.67 6.99
N HIS A 69 14.53 9.40 7.09
CA HIS A 69 14.66 8.64 8.34
C HIS A 69 15.56 7.42 8.16
N GLU A 70 16.38 7.15 9.18
CA GLU A 70 17.15 5.91 9.22
C GLU A 70 16.34 4.75 9.77
N VAL A 71 16.68 3.56 9.27
CA VAL A 71 16.06 2.32 9.70
C VAL A 71 16.78 1.77 10.94
N GLU A 72 16.02 1.51 11.99
CA GLU A 72 16.57 0.88 13.20
C GLU A 72 16.52 -0.63 13.13
N VAL A 73 15.38 -1.18 12.70
CA VAL A 73 15.17 -2.62 12.66
C VAL A 73 14.56 -2.97 11.32
N VAL A 74 15.05 -4.05 10.71
CA VAL A 74 14.43 -4.63 9.52
C VAL A 74 13.74 -5.90 9.97
N ILE A 75 12.43 -5.99 9.72
CA ILE A 75 11.72 -7.24 10.02
C ILE A 75 11.25 -7.84 8.70
N LYS A 76 12.04 -8.80 8.21
CA LYS A 76 11.78 -9.50 6.97
C LYS A 76 10.93 -10.72 7.30
N HIS A 77 9.96 -11.06 6.44
CA HIS A 77 9.25 -12.32 6.65
C HIS A 77 10.23 -13.47 6.51
N ASN A 78 10.21 -14.36 7.50
CA ASN A 78 11.19 -15.46 7.54
C ASN A 78 11.09 -16.48 6.40
N ARG A 79 9.96 -16.48 5.69
CA ARG A 79 9.73 -17.45 4.64
C ARG A 79 9.88 -16.88 3.24
N PHE A 80 10.24 -15.59 3.13
CA PHE A 80 10.56 -15.05 1.83
C PHE A 80 11.76 -15.74 1.21
N THR A 81 11.67 -16.04 -0.07
CA THR A 81 12.81 -16.49 -0.85
C THR A 81 12.74 -15.93 -2.26
N LYS A 82 13.91 -15.63 -2.84
CA LYS A 82 13.98 -15.12 -4.22
C LYS A 82 13.49 -16.16 -5.23
N GLU A 83 13.59 -17.43 -4.85
CA GLU A 83 13.20 -18.54 -5.71
C GLU A 83 11.73 -18.50 -6.08
N THR A 84 10.88 -18.12 -5.10
CA THR A 84 9.44 -18.19 -5.27
C THR A 84 8.80 -16.79 -5.29
N TYR A 85 9.51 -15.81 -4.72
CA TYR A 85 8.92 -14.48 -4.42
C TYR A 85 7.72 -14.53 -3.48
N ASP A 86 7.55 -15.69 -2.86
CA ASP A 86 6.49 -15.88 -1.89
C ASP A 86 6.80 -15.17 -0.58
N PHE A 87 5.76 -14.78 0.16
CA PHE A 87 5.91 -14.07 1.44
C PHE A 87 6.69 -12.77 1.30
N ASP A 88 6.37 -12.00 0.25
CA ASP A 88 7.16 -10.86 -0.09
C ASP A 88 6.69 -9.66 0.72
N ILE A 89 7.19 -9.61 1.96
CA ILE A 89 6.76 -8.62 2.92
C ILE A 89 7.83 -8.39 3.98
N ALA A 90 8.01 -7.12 4.34
CA ALA A 90 8.95 -6.71 5.38
C ALA A 90 8.38 -5.47 6.06
N VAL A 91 8.67 -5.32 7.35
CA VAL A 91 8.35 -4.10 8.05
C VAL A 91 9.65 -3.42 8.49
N LEU A 92 9.65 -2.09 8.49
CA LEU A 92 10.83 -1.34 8.91
C LEU A 92 10.49 -0.51 10.13
N ARG A 93 11.31 -0.63 11.18
CA ARG A 93 11.13 0.26 12.32
C ARG A 93 12.14 1.37 12.16
N LEU A 94 11.67 2.61 12.29
CA LEU A 94 12.54 3.76 12.06
C LEU A 94 13.24 4.16 13.35
N LYS A 95 14.44 4.74 13.21
CA LYS A 95 15.23 5.22 14.36
C LYS A 95 14.53 6.37 15.07
N THR A 96 13.89 7.24 14.29
CA THR A 96 13.22 8.41 14.81
C THR A 96 11.82 8.48 14.19
N PRO A 97 10.80 8.89 14.98
CA PRO A 97 9.42 8.86 14.47
C PRO A 97 9.09 9.89 13.43
N ILE A 98 8.18 9.53 12.54
CA ILE A 98 7.64 10.45 11.54
C ILE A 98 6.69 11.42 12.22
N THR A 99 6.76 12.69 11.82
CA THR A 99 5.80 13.71 12.20
C THR A 99 4.76 13.83 11.10
N PHE A 100 3.52 13.39 11.36
CA PHE A 100 2.47 13.47 10.34
C PHE A 100 2.17 14.93 10.06
N ARG A 101 2.00 15.23 8.78
CA ARG A 101 1.82 16.58 8.27
C ARG A 101 1.30 16.51 6.83
N MET A 102 1.29 17.65 6.14
CA MET A 102 0.96 17.71 4.72
C MET A 102 1.82 16.68 3.95
N ASN A 103 1.15 15.79 3.22
CA ASN A 103 1.81 14.74 2.41
C ASN A 103 2.47 13.63 3.19
N VAL A 104 2.20 13.54 4.48
CA VAL A 104 2.81 12.52 5.32
C VAL A 104 1.78 12.03 6.31
N ALA A 105 1.15 10.87 6.05
CA ALA A 105 0.13 10.30 6.93
C ALA A 105 0.04 8.79 6.66
N PRO A 106 -0.30 8.00 7.68
CA PRO A 106 -0.32 6.55 7.45
C PRO A 106 -1.57 6.08 6.67
N ALA A 107 -1.47 4.92 6.03
CA ALA A 107 -2.63 4.20 5.45
C ALA A 107 -3.20 3.30 6.56
N CYS A 108 -4.51 2.95 6.52
CA CYS A 108 -5.14 2.12 7.59
C CYS A 108 -4.94 0.64 7.31
N LEU A 109 -4.65 -0.12 8.36
CA LEU A 109 -4.75 -1.56 8.29
C LEU A 109 -6.17 -1.99 8.52
N PRO A 110 -6.69 -2.79 7.58
CA PRO A 110 -8.04 -3.30 7.77
C PRO A 110 -8.01 -4.56 8.62
N GLU A 111 -9.19 -4.89 9.13
CA GLU A 111 -9.46 -6.20 9.73
C GLU A 111 -9.62 -7.22 8.62
N ARG A 112 -9.06 -8.42 8.81
CA ARG A 112 -8.97 -9.44 7.73
C ARG A 112 -10.27 -9.84 7.04
N ASP A 113 -11.25 -10.30 7.83
CA ASP A 113 -12.46 -10.88 7.26
C ASP A 113 -13.21 -9.81 6.48
N TRP A 114 -13.29 -8.61 7.04
CA TRP A 114 -13.94 -7.49 6.36
C TRP A 114 -13.14 -7.09 5.09
N ALA A 115 -11.81 -7.09 5.19
CA ALA A 115 -10.98 -6.78 4.01
C ALA A 115 -11.26 -7.73 2.85
N GLU A 116 -11.37 -9.02 3.16
CA GLU A 116 -11.65 -10.05 2.17
C GLU A 116 -13.03 -9.92 1.57
N SER A 117 -14.03 -9.58 2.39
CA SER A 117 -15.40 -9.48 1.89
C SER A 117 -15.80 -8.16 1.28
N THR A 118 -15.08 -7.09 1.61
CA THR A 118 -15.52 -5.75 1.25
C THR A 118 -14.47 -4.96 0.46
N LEU A 119 -13.19 -5.18 0.75
CA LEU A 119 -12.17 -4.43 0.04
C LEU A 119 -11.69 -5.16 -1.22
N MET A 120 -11.36 -6.43 -1.07
CA MET A 120 -10.80 -7.23 -2.18
C MET A 120 -11.89 -7.49 -3.24
N THR A 121 -13.13 -7.26 -2.85
CA THR A 121 -14.30 -7.43 -3.73
C THR A 121 -14.67 -6.17 -4.50
N GLN A 122 -13.92 -5.09 -4.26
CA GLN A 122 -14.12 -3.84 -5.00
C GLN A 122 -13.61 -4.02 -6.43
N LYS A 123 -14.11 -3.20 -7.35
CA LYS A 123 -13.59 -3.19 -8.72
C LYS A 123 -12.09 -2.93 -8.84
N THR A 124 -11.60 -1.90 -8.14
CA THR A 124 -10.24 -1.40 -8.29
C THR A 124 -9.59 -1.08 -6.95
N GLY A 125 -8.27 -1.05 -7.01
CA GLY A 125 -7.39 -0.48 -6.00
C GLY A 125 -6.50 0.58 -6.62
N ILE A 126 -5.62 1.18 -5.81
CA ILE A 126 -4.76 2.27 -6.27
C ILE A 126 -3.31 1.92 -5.95
N VAL A 127 -2.43 1.92 -6.96
CA VAL A 127 -1.01 1.68 -6.75
C VAL A 127 -0.24 2.98 -6.97
N SER A 128 0.88 3.15 -6.28
CA SER A 128 1.59 4.42 -6.50
C SER A 128 3.07 4.20 -6.38
N GLY A 129 3.84 5.11 -6.99
CA GLY A 129 5.29 5.04 -6.94
C GLY A 129 6.04 6.02 -7.81
N PHE A 130 7.36 5.98 -7.64
CA PHE A 130 8.31 6.75 -8.37
C PHE A 130 9.01 5.92 -9.43
N GLY A 131 8.50 4.74 -9.75
CA GLY A 131 9.21 3.87 -10.69
C GLY A 131 9.07 4.23 -12.17
N ARG A 132 9.63 3.36 -13.00
CA ARG A 132 9.73 3.62 -14.45
C ARG A 132 8.35 3.89 -15.06
N THR A 133 8.33 4.76 -16.07
CA THR A 133 7.10 5.13 -16.79
C THR A 133 6.79 4.25 -18.00
N HIS A 134 7.75 3.39 -18.35
CA HIS A 134 7.50 2.26 -19.23
C HIS A 134 8.60 1.23 -18.96
N GLU A 135 8.42 0.01 -19.43
CA GLU A 135 9.32 -1.07 -19.05
C GLU A 135 10.83 -0.73 -19.12
N LYS A 136 11.28 -0.20 -20.26
CA LYS A 136 12.71 0.06 -20.49
C LYS A 136 13.05 1.53 -20.21
N GLY A 137 12.11 2.22 -19.56
CA GLY A 137 12.20 3.64 -19.30
C GLY A 137 12.97 4.02 -18.07
N ARG A 138 13.01 5.32 -17.80
CA ARG A 138 13.63 5.87 -16.61
C ARG A 138 12.56 5.98 -15.55
N GLN A 139 12.98 6.13 -14.30
CA GLN A 139 12.07 6.33 -13.17
C GLN A 139 11.48 7.74 -13.21
N SER A 140 10.30 7.91 -12.63
CA SER A 140 9.62 9.20 -12.58
C SER A 140 10.21 10.05 -11.45
N THR A 141 10.57 11.30 -11.77
CA THR A 141 10.94 12.25 -10.72
C THR A 141 9.70 12.75 -9.96
N ARG A 142 8.52 12.49 -10.51
CA ARG A 142 7.27 12.87 -9.82
C ARG A 142 6.47 11.65 -9.42
N LEU A 143 5.91 11.70 -8.20
CA LEU A 143 5.14 10.59 -7.67
C LEU A 143 3.90 10.42 -8.51
N LYS A 144 3.66 9.16 -8.90
CA LYS A 144 2.51 8.80 -9.72
C LYS A 144 1.56 7.81 -9.05
N MET A 145 0.30 7.83 -9.48
CA MET A 145 -0.67 6.85 -9.01
CA MET A 145 -0.72 6.91 -8.99
C MET A 145 -1.46 6.28 -10.17
N LEU A 146 -2.01 5.11 -9.95
CA LEU A 146 -2.76 4.37 -10.95
C LEU A 146 -3.86 3.54 -10.35
N GLU A 147 -5.04 3.65 -10.95
CA GLU A 147 -6.16 2.81 -10.56
C GLU A 147 -5.98 1.50 -11.32
N VAL A 148 -6.03 0.39 -10.58
CA VAL A 148 -5.77 -0.91 -11.15
C VAL A 148 -6.88 -1.84 -10.78
N PRO A 149 -7.56 -2.39 -11.79
CA PRO A 149 -8.59 -3.36 -11.50
C PRO A 149 -8.08 -4.61 -10.77
N TYR A 150 -8.86 -5.11 -9.81
CA TYR A 150 -8.63 -6.45 -9.26
C TYR A 150 -8.82 -7.50 -10.35
N VAL A 151 -7.95 -8.50 -10.37
CA VAL A 151 -8.00 -9.53 -11.40
C VAL A 151 -8.25 -10.91 -10.76
N ASP A 152 -9.20 -11.62 -11.33
CA ASP A 152 -9.58 -12.98 -10.96
C ASP A 152 -8.36 -13.88 -10.74
N ARG A 153 -8.32 -14.60 -9.62
CA ARG A 153 -7.19 -15.50 -9.35
C ARG A 153 -6.96 -16.57 -10.43
N ASN A 154 -8.05 -17.22 -10.88
CA ASN A 154 -7.89 -18.21 -11.95
C ASN A 154 -7.25 -17.56 -13.19
N SER A 155 -7.73 -16.39 -13.59
CA SER A 155 -7.13 -15.66 -14.70
C SER A 155 -5.65 -15.34 -14.40
N CYS A 156 -5.38 -14.94 -13.17
CA CYS A 156 -4.02 -14.59 -12.71
C CYS A 156 -3.05 -15.76 -12.91
N LYS A 157 -3.43 -16.94 -12.43
CA LYS A 157 -2.60 -18.14 -12.53
C LYS A 157 -2.30 -18.56 -13.97
N LEU A 158 -3.34 -18.56 -14.80
CA LEU A 158 -3.22 -18.95 -16.20
C LEU A 158 -2.29 -18.02 -16.99
N SER A 159 -2.32 -16.73 -16.66
CA SER A 159 -1.50 -15.72 -17.30
C SER A 159 -0.01 -15.79 -16.93
N SER A 160 0.30 -16.45 -15.82
CA SER A 160 1.61 -16.31 -15.19
C SER A 160 2.56 -17.46 -15.52
N SER A 161 3.82 -17.14 -15.78
CA SER A 161 4.88 -18.14 -16.00
C SER A 161 5.44 -18.68 -14.69
N PHE A 162 4.97 -18.11 -13.58
CA PHE A 162 5.46 -18.46 -12.24
C PHE A 162 4.28 -18.79 -11.34
N ILE A 163 4.52 -19.59 -10.30
CA ILE A 163 3.42 -19.95 -9.41
C ILE A 163 2.88 -18.72 -8.69
N ILE A 164 1.56 -18.58 -8.71
CA ILE A 164 0.86 -17.55 -7.94
C ILE A 164 0.36 -18.20 -6.68
N THR A 165 0.99 -17.86 -5.56
CA THR A 165 0.61 -18.45 -4.26
C THR A 165 -0.59 -17.74 -3.69
N GLN A 166 -1.18 -18.26 -2.62
CA GLN A 166 -2.31 -17.59 -1.96
C GLN A 166 -1.86 -16.30 -1.25
N ASN A 167 -0.56 -16.08 -1.18
CA ASN A 167 0.00 -14.84 -0.62
C ASN A 167 0.18 -13.73 -1.64
N MET A 168 -0.40 -13.97 -2.81
CA MET A 168 -0.24 -13.04 -3.94
C MET A 168 -1.58 -12.78 -4.57
N PHE A 169 -1.76 -11.60 -5.17
CA PHE A 169 -2.91 -11.37 -6.06
C PHE A 169 -2.49 -10.55 -7.28
N CYS A 170 -3.26 -10.68 -8.35
CA CYS A 170 -3.04 -9.94 -9.59
C CYS A 170 -3.89 -8.68 -9.61
N ALA A 171 -3.34 -7.62 -10.16
CA ALA A 171 -4.17 -6.43 -10.48
C ALA A 171 -3.60 -5.74 -11.69
N GLY A 172 -4.44 -4.97 -12.38
CA GLY A 172 -4.04 -4.30 -13.57
C GLY A 172 -4.88 -4.70 -14.75
N TYR A 173 -4.23 -4.70 -15.91
CA TYR A 173 -4.93 -4.84 -17.19
C TYR A 173 -4.27 -5.86 -18.08
N ASP A 174 -5.11 -6.55 -18.86
CA ASP A 174 -4.65 -7.53 -19.80
C ASP A 174 -3.81 -6.90 -20.90
N THR A 175 -4.39 -5.98 -21.66
CA THR A 175 -3.68 -5.36 -22.78
C THR A 175 -3.44 -3.87 -22.61
N LYS A 176 -4.26 -3.20 -21.80
CA LYS A 176 -4.13 -1.75 -21.63
C LYS A 176 -2.76 -1.50 -21.03
N GLN A 177 -2.02 -0.54 -21.60
CA GLN A 177 -0.65 -0.27 -21.17
C GLN A 177 -0.58 0.60 -19.91
N GLU A 178 -1.02 0.04 -18.76
CA GLU A 178 -0.92 0.70 -17.46
C GLU A 178 -0.54 -0.37 -16.46
N ASP A 179 0.44 -0.08 -15.60
CA ASP A 179 0.93 -1.06 -14.63
C ASP A 179 1.86 -0.36 -13.66
N ALA A 180 2.21 -1.03 -12.55
CA ALA A 180 3.40 -0.62 -11.80
C ALA A 180 4.64 -1.15 -12.55
N CYS A 181 5.84 -0.77 -12.11
CA CYS A 181 7.07 -1.18 -12.80
C CYS A 181 8.23 -1.09 -11.81
N GLN A 182 9.43 -1.34 -12.34
CA GLN A 182 10.68 -1.28 -11.58
C GLN A 182 10.81 0.06 -10.87
N GLY A 183 11.12 0.03 -9.56
CA GLY A 183 11.18 1.24 -8.79
C GLY A 183 9.94 1.41 -7.92
N ASP A 184 8.83 0.78 -8.32
CA ASP A 184 7.58 0.87 -7.54
C ASP A 184 7.51 -0.20 -6.48
N SER A 185 8.27 -1.29 -6.65
CA SER A 185 8.21 -2.41 -5.70
C SER A 185 8.31 -1.97 -4.26
N GLY A 186 7.58 -2.66 -3.40
CA GLY A 186 7.52 -2.31 -1.98
C GLY A 186 6.48 -1.28 -1.62
N GLY A 187 6.03 -0.54 -2.62
CA GLY A 187 5.06 0.54 -2.37
C GLY A 187 3.62 0.11 -2.19
N PRO A 188 2.74 1.09 -1.99
CA PRO A 188 1.35 0.85 -1.59
C PRO A 188 0.44 0.45 -2.73
N HIS A 189 -0.34 -0.58 -2.45
CA HIS A 189 -1.65 -0.82 -3.10
C HIS A 189 -2.73 -0.61 -2.01
N VAL A 190 -3.62 0.35 -2.22
CA VAL A 190 -4.59 0.74 -1.20
C VAL A 190 -5.94 0.65 -1.89
N THR A 191 -6.97 0.41 -1.10
CA THR A 191 -8.33 0.38 -1.61
C THR A 191 -9.18 1.34 -0.81
N ARG A 192 -9.95 2.14 -1.52
CA ARG A 192 -10.74 3.19 -0.90
C ARG A 192 -12.05 2.60 -0.47
N PHE A 193 -12.49 2.93 0.74
CA PHE A 193 -13.82 2.60 1.17
C PHE A 193 -14.39 3.81 1.88
N LYS A 194 -15.46 4.40 1.35
CA LYS A 194 -16.02 5.65 1.89
C LYS A 194 -14.95 6.67 2.30
N ASP A 195 -14.17 7.11 1.33
CA ASP A 195 -13.16 8.17 1.57
C ASP A 195 -12.02 7.82 2.55
N THR A 196 -11.89 6.54 2.91
CA THR A 196 -10.77 6.08 3.72
C THR A 196 -10.03 5.00 2.95
N TYR A 197 -8.70 5.16 2.89
CA TYR A 197 -7.82 4.25 2.17
C TYR A 197 -7.17 3.22 3.09
N PHE A 198 -7.35 1.94 2.74
CA PHE A 198 -6.86 0.78 3.54
C PHE A 198 -5.74 0.06 2.73
N VAL A 199 -4.70 -0.41 3.41
CA VAL A 199 -3.61 -1.08 2.69
C VAL A 199 -4.12 -2.47 2.29
N THR A 200 -4.00 -2.80 1.01
CA THR A 200 -4.49 -4.09 0.53
C THR A 200 -3.37 -4.88 -0.15
N GLY A 201 -2.32 -4.20 -0.58
CA GLY A 201 -1.20 -4.88 -1.31
C GLY A 201 0.15 -4.24 -1.14
N ILE A 202 1.20 -4.96 -1.56
CA ILE A 202 2.54 -4.46 -1.61
C ILE A 202 2.91 -4.81 -3.05
N VAL A 203 3.32 -3.77 -3.77
CA VAL A 203 3.82 -3.93 -5.15
C VAL A 203 4.96 -4.95 -5.14
N SER A 204 4.76 -6.09 -5.82
CA SER A 204 5.73 -7.21 -5.67
C SER A 204 6.55 -7.53 -6.94
N TRP A 205 5.91 -8.01 -8.00
CA TRP A 205 6.67 -8.38 -9.20
C TRP A 205 5.81 -8.42 -10.43
N GLY A 206 6.43 -8.55 -11.60
CA GLY A 206 5.64 -8.72 -12.81
C GLY A 206 6.64 -9.15 -13.86
N GLU A 207 6.14 -9.86 -14.87
CA GLU A 207 6.97 -10.27 -16.01
C GLU A 207 7.02 -9.08 -16.97
N GLY A 208 8.06 -8.25 -16.79
CA GLY A 208 8.13 -6.96 -17.45
C GLY A 208 7.21 -5.96 -16.78
N CYS A 209 6.79 -4.94 -17.54
CA CYS A 209 5.80 -3.96 -17.05
C CYS A 209 4.76 -3.72 -18.11
N ALA A 210 3.49 -3.85 -17.74
CA ALA A 210 2.38 -3.59 -18.66
C ALA A 210 2.38 -4.44 -19.94
N ARG A 211 3.01 -5.60 -19.89
CA ARG A 211 3.00 -6.52 -21.04
C ARG A 211 1.60 -7.05 -21.31
N LYS A 212 1.31 -7.24 -22.60
CA LYS A 212 0.04 -7.86 -22.98
C LYS A 212 -0.02 -9.28 -22.42
N GLY A 213 -1.14 -9.61 -21.78
CA GLY A 213 -1.39 -10.92 -21.18
C GLY A 213 -0.70 -11.16 -19.85
N LYS A 214 -0.06 -10.13 -19.28
CA LYS A 214 0.53 -10.20 -17.93
C LYS A 214 -0.07 -9.14 -17.01
N TYR A 215 -0.13 -9.45 -15.73
CA TYR A 215 -0.72 -8.57 -14.71
C TYR A 215 0.35 -8.17 -13.70
N GLY A 216 0.07 -7.14 -12.91
CA GLY A 216 0.95 -6.76 -11.79
C GLY A 216 0.70 -7.74 -10.68
N ILE A 217 1.76 -8.23 -10.05
CA ILE A 217 1.59 -9.15 -8.94
C ILE A 217 1.93 -8.46 -7.63
N TYR A 218 1.03 -8.61 -6.67
CA TYR A 218 1.07 -7.91 -5.38
C TYR A 218 1.01 -8.87 -4.21
N THR A 219 1.73 -8.51 -3.15
CA THR A 219 1.67 -9.26 -1.93
C THR A 219 0.30 -9.00 -1.32
N LYS A 220 -0.41 -10.10 -1.01
CA LYS A 220 -1.75 -10.08 -0.43
C LYS A 220 -1.68 -9.77 1.06
N VAL A 221 -1.88 -8.50 1.38
CA VAL A 221 -1.73 -8.03 2.75
C VAL A 221 -2.74 -8.70 3.73
N THR A 222 -3.92 -9.15 3.26
CA THR A 222 -4.89 -9.79 4.16
C THR A 222 -4.33 -11.08 4.79
N ALA A 223 -3.43 -11.74 4.07
CA ALA A 223 -2.70 -12.94 4.53
C ALA A 223 -1.64 -12.62 5.59
N PHE A 224 -1.34 -11.35 5.80
CA PHE A 224 -0.25 -10.94 6.69
C PHE A 224 -0.64 -9.93 7.77
N LEU A 225 -1.93 -9.71 7.96
CA LEU A 225 -2.41 -8.75 8.95
C LEU A 225 -1.97 -9.10 10.41
N LYS A 226 -2.10 -10.36 10.79
CA LYS A 226 -1.59 -10.75 12.12
C LYS A 226 -0.05 -10.63 12.20
N TRP A 227 0.63 -11.05 11.13
CA TRP A 227 2.10 -10.94 11.02
C TRP A 227 2.55 -9.47 11.14
N ILE A 228 1.83 -8.56 10.49
CA ILE A 228 2.15 -7.14 10.59
C ILE A 228 1.95 -6.68 12.04
N ASP A 229 0.82 -7.02 12.62
CA ASP A 229 0.55 -6.66 14.02
C ASP A 229 1.69 -7.08 14.97
N ARG A 230 2.12 -8.33 14.87
CA ARG A 230 3.27 -8.83 15.67
C ARG A 230 4.58 -8.09 15.37
N SER A 231 4.85 -7.80 14.10
CA SER A 231 6.06 -7.09 13.74
C SER A 231 6.07 -5.67 14.29
N MET A 232 4.87 -5.11 14.48
CA MET A 232 4.76 -3.74 14.97
C MET A 232 4.74 -3.68 16.50
N LYS A 233 4.70 -4.85 17.14
CA LYS A 233 4.69 -4.92 18.61
C LYS A 233 6.08 -4.61 19.15
N THR A 234 6.26 -3.72 19.99
N LYS B 2 -29.27 -4.95 8.94
CA LYS B 2 -29.16 -6.30 9.55
C LYS B 2 -28.02 -7.15 8.96
N LEU B 3 -27.56 -6.82 7.75
CA LEU B 3 -26.43 -7.54 7.14
C LEU B 3 -25.28 -6.65 6.68
N CYS B 4 -24.05 -7.15 6.81
CA CYS B 4 -22.91 -6.38 6.33
C CYS B 4 -22.88 -6.30 4.81
N SER B 5 -23.59 -7.22 4.13
CA SER B 5 -23.59 -7.25 2.68
C SER B 5 -24.47 -6.20 2.04
N LEU B 6 -25.25 -5.47 2.84
CA LEU B 6 -26.01 -4.35 2.31
C LEU B 6 -25.55 -3.05 2.94
N ASP B 7 -25.05 -2.15 2.09
CA ASP B 7 -24.39 -0.88 2.49
C ASP B 7 -23.55 -1.03 3.75
N ASN B 8 -22.82 -2.13 3.83
CA ASN B 8 -21.77 -2.35 4.86
C ASN B 8 -22.38 -2.25 6.27
N GLY B 9 -23.65 -2.67 6.37
CA GLY B 9 -24.41 -2.65 7.64
C GLY B 9 -24.57 -1.27 8.21
N ASP B 10 -24.41 -0.27 7.31
CA ASP B 10 -24.39 1.17 7.57
C ASP B 10 -23.17 1.66 8.33
N CYS B 11 -22.17 0.77 8.49
CA CYS B 11 -20.90 1.15 9.12
C CYS B 11 -19.99 2.00 8.23
N ASP B 12 -19.31 2.97 8.83
CA ASP B 12 -18.35 3.78 8.10
C ASP B 12 -17.15 2.93 7.69
N GLN B 13 -16.72 2.05 8.57
CA GLN B 13 -15.50 1.26 8.32
C GLN B 13 -15.79 -0.21 8.45
N PHE B 14 -15.23 -0.87 9.46
CA PHE B 14 -15.46 -2.33 9.64
C PHE B 14 -16.87 -2.71 10.03
N CYS B 15 -17.33 -3.82 9.45
CA CYS B 15 -18.63 -4.36 9.76
C CYS B 15 -18.52 -5.86 10.04
N HIS B 16 -19.22 -6.30 11.08
CA HIS B 16 -19.34 -7.75 11.40
C HIS B 16 -20.74 -8.11 11.87
N GLU B 17 -21.26 -9.27 11.44
CA GLU B 17 -22.52 -9.82 11.97
C GLU B 17 -22.18 -10.68 13.20
N GLU B 18 -22.43 -10.17 14.41
CA GLU B 18 -21.87 -10.74 15.66
C GLU B 18 -22.92 -11.15 16.70
N GLN B 19 -22.76 -12.33 17.30
CA GLN B 19 -23.86 -12.95 18.03
C GLN B 19 -25.11 -12.81 17.17
N ASN B 20 -24.95 -13.07 15.88
CA ASN B 20 -26.03 -12.91 14.89
C ASN B 20 -26.61 -11.50 14.82
N SER B 21 -25.73 -10.49 14.90
CA SER B 21 -26.15 -9.07 14.82
C SER B 21 -25.02 -8.15 14.32
N VAL B 22 -25.36 -7.13 13.54
CA VAL B 22 -24.32 -6.21 13.00
C VAL B 22 -23.65 -5.30 14.04
N VAL B 23 -22.32 -5.35 14.06
CA VAL B 23 -21.48 -4.51 14.90
C VAL B 23 -20.44 -3.77 14.04
N CYS B 24 -20.40 -2.44 14.17
CA CYS B 24 -19.43 -1.61 13.46
C CYS B 24 -18.18 -1.39 14.33
N SER B 25 -17.05 -1.21 13.67
CA SER B 25 -15.84 -0.78 14.37
C SER B 25 -14.91 0.02 13.48
N CYS B 26 -13.81 0.49 14.05
CA CYS B 26 -13.01 1.45 13.34
C CYS B 26 -11.52 1.11 13.50
N ALA B 27 -10.70 1.64 12.59
CA ALA B 27 -9.25 1.50 12.64
C ALA B 27 -8.66 2.29 13.81
N ARG B 28 -7.46 1.91 14.22
CA ARG B 28 -6.70 2.68 15.19
C ARG B 28 -6.65 4.15 14.78
N GLY B 29 -6.96 5.03 15.71
CA GLY B 29 -6.94 6.47 15.40
C GLY B 29 -8.35 7.02 15.18
N TYR B 30 -9.34 6.15 15.27
CA TYR B 30 -10.75 6.57 15.21
C TYR B 30 -11.49 5.99 16.38
N THR B 31 -12.56 6.67 16.77
CA THR B 31 -13.40 6.16 17.83
C THR B 31 -14.76 6.02 17.20
N LEU B 32 -15.40 4.87 17.46
CA LEU B 32 -16.74 4.64 17.00
C LEU B 32 -17.71 5.62 17.65
N ALA B 33 -18.50 6.26 16.79
CA ALA B 33 -19.44 7.29 17.21
C ALA B 33 -20.53 6.73 18.12
N ASP B 34 -21.20 7.64 18.81
CA ASP B 34 -22.29 7.27 19.69
C ASP B 34 -23.39 6.48 18.97
N ASN B 35 -23.62 6.83 17.70
CA ASN B 35 -24.61 6.14 16.85
C ASN B 35 -24.24 4.70 16.46
N GLY B 36 -23.04 4.27 16.84
CA GLY B 36 -22.57 2.89 16.62
C GLY B 36 -22.19 2.55 15.17
N LYS B 37 -22.12 3.57 14.33
CA LYS B 37 -21.89 3.46 12.88
C LYS B 37 -20.70 4.27 12.38
N ALA B 38 -20.70 5.56 12.71
CA ALA B 38 -19.66 6.47 12.23
C ALA B 38 -18.29 6.27 12.90
N CYS B 39 -17.21 6.60 12.17
CA CYS B 39 -15.86 6.58 12.76
C CYS B 39 -15.33 7.98 12.84
N ILE B 40 -14.94 8.40 14.05
CA ILE B 40 -14.52 9.79 14.29
C ILE B 40 -13.01 9.81 14.54
N PRO B 41 -12.22 10.54 13.71
CA PRO B 41 -10.77 10.61 13.89
C PRO B 41 -10.47 11.29 15.20
N THR B 42 -9.50 10.74 15.93
CA THR B 42 -9.14 11.28 17.25
C THR B 42 -7.99 12.28 17.11
N GLY B 43 -7.44 12.41 15.92
CA GLY B 43 -6.28 13.27 15.70
C GLY B 43 -6.35 13.92 14.34
N PRO B 44 -5.41 14.82 14.03
CA PRO B 44 -5.45 15.55 12.78
C PRO B 44 -5.01 14.76 11.55
N TYR B 45 -4.26 13.67 11.77
CA TYR B 45 -3.77 12.85 10.66
C TYR B 45 -4.17 11.37 10.81
N PRO B 46 -5.47 11.12 10.90
CA PRO B 46 -5.97 9.75 11.00
C PRO B 46 -5.51 8.92 9.79
N CYS B 47 -5.34 7.63 9.98
CA CYS B 47 -4.83 6.82 8.89
C CYS B 47 -5.84 6.84 7.73
N GLY B 48 -5.36 6.67 6.51
CA GLY B 48 -6.27 6.51 5.39
C GLY B 48 -6.96 7.78 4.92
N LYS B 49 -6.61 8.94 5.49
CA LYS B 49 -7.16 10.22 4.98
C LYS B 49 -6.12 11.03 4.23
N GLN B 50 -6.50 11.48 3.03
CA GLN B 50 -5.62 12.35 2.25
C GLN B 50 -5.49 13.66 3.01
N THR B 51 -4.33 14.27 2.90
CA THR B 51 -4.02 15.52 3.59
C THR B 51 -4.39 16.70 2.66
N LEU B 52 -5.69 17.04 2.62
CA LEU B 52 -6.20 17.90 1.54
C LEU B 52 -6.29 19.37 1.91
N GLU B 53 -6.40 19.64 3.21
CA GLU B 53 -6.46 21.01 3.68
C GLU B 53 -5.19 21.33 4.43
N ARG B 54 -4.79 22.59 4.36
CA ARG B 54 -3.70 23.08 5.20
C ARG B 54 -4.26 23.29 6.61
N ARG B 55 -3.56 22.77 7.61
CA ARG B 55 -3.80 23.16 9.00
C ARG B 55 -2.90 24.33 9.38
#